data_4LKM
#
_entry.id   4LKM
#
_cell.length_a   79.600
_cell.length_b   82.000
_cell.length_c   151.720
_cell.angle_alpha   90.000
_cell.angle_beta   90.000
_cell.angle_gamma   90.000
#
_symmetry.space_group_name_H-M   'C 2 2 21'
#
loop_
_entity.id
_entity.type
_entity.pdbx_description
1 polymer 'Serine/threonine-protein kinase PLK1'
2 polymer PL-74
3 non-polymer 'SULFATE ION'
4 non-polymer GLYCEROL
5 water water
#
loop_
_entity_poly.entity_id
_entity_poly.type
_entity_poly.pdbx_seq_one_letter_code
_entity_poly.pdbx_strand_id
1 'polypeptide(L)'
;DCHLSDMLQQLHSVNASKPSERGLVRQEEAEDPACIPIFWVSKWVDYSDKYGLGYQLCDNSVGVLFNDSTRLILYNDGDS
LQYIERDGTESYLTVSSHPNSLMKKITLLKYFRNYMSEHLLKAGANITPREGDELARLPYLRTWFRTRSAIILHLSNGSV
QINFFQDHTKLILCPLMAAVTYIDEKRDFRTYRLSLLEEYGCCKELASRLRYARTMVDKLLSSRSASNRLK
;
A,C
2 'polypeptide(L)' (5PV)(ACA)PLHS(TPO)M(NH2) B,D
#
loop_
_chem_comp.id
_chem_comp.type
_chem_comp.name
_chem_comp.formula
5PV non-polymer '5-PHENYLVALERIC ACID' 'C11 H14 O2'
GOL non-polymer GLYCEROL 'C3 H8 O3'
NH2 non-polymer 'AMINO GROUP' 'H2 N'
SO4 non-polymer 'SULFATE ION' 'O4 S -2'
#
# COMPACT_ATOMS: atom_id res chain seq x y z
N ASP A 1 4.97 6.07 0.14
CA ASP A 1 5.20 6.75 -1.16
C ASP A 1 5.19 5.76 -2.33
N CYS A 2 5.73 6.20 -3.47
CA CYS A 2 5.80 5.36 -4.67
C CYS A 2 6.83 4.27 -4.47
N HIS A 3 7.91 4.59 -3.76
CA HIS A 3 8.96 3.63 -3.51
C HIS A 3 8.43 2.50 -2.64
N LEU A 4 7.58 2.83 -1.66
CA LEU A 4 7.02 1.79 -0.79
C LEU A 4 6.24 0.77 -1.61
N SER A 5 5.44 1.25 -2.56
CA SER A 5 4.67 0.36 -3.41
C SER A 5 5.59 -0.46 -4.31
N ASP A 6 6.67 0.15 -4.80
CA ASP A 6 7.62 -0.57 -5.64
C ASP A 6 8.29 -1.67 -4.82
N MET A 7 8.65 -1.33 -3.58
CA MET A 7 9.29 -2.30 -2.69
C MET A 7 8.35 -3.45 -2.37
N LEU A 8 7.10 -3.13 -2.12
CA LEU A 8 6.09 -4.13 -1.79
C LEU A 8 5.97 -5.13 -2.96
N GLN A 9 5.98 -4.60 -4.19
CA GLN A 9 5.89 -5.42 -5.40
C GLN A 9 7.11 -6.32 -5.52
N GLN A 10 8.27 -5.75 -5.26
CA GLN A 10 9.52 -6.50 -5.32
C GLN A 10 9.52 -7.65 -4.33
N LEU A 11 9.08 -7.35 -3.10
CA LEU A 11 9.03 -8.35 -2.04
C LEU A 11 7.99 -9.43 -2.35
N HIS A 12 6.86 -9.02 -2.92
CA HIS A 12 5.80 -9.95 -3.30
C HIS A 12 6.32 -11.04 -4.22
N SER A 13 6.95 -10.62 -5.30
CA SER A 13 7.50 -11.54 -6.29
C SER A 13 8.39 -12.59 -5.65
N VAL A 14 9.25 -12.16 -4.74
CA VAL A 14 10.15 -13.09 -4.07
C VAL A 14 9.41 -14.00 -3.10
N ASN A 15 8.64 -13.39 -2.19
CA ASN A 15 7.92 -14.18 -1.18
C ASN A 15 6.92 -15.17 -1.76
N ALA A 16 6.19 -14.75 -2.80
CA ALA A 16 5.19 -15.61 -3.42
C ALA A 16 5.84 -16.86 -4.01
N SER A 17 7.11 -16.77 -4.38
CA SER A 17 7.81 -17.91 -4.96
C SER A 17 8.36 -18.87 -3.91
N LYS A 18 8.21 -18.54 -2.63
CA LYS A 18 8.69 -19.40 -1.54
C LYS A 18 10.14 -19.83 -1.79
N PRO A 19 11.07 -18.88 -1.72
CA PRO A 19 12.51 -19.10 -1.94
C PRO A 19 13.24 -20.13 -1.06
N SER A 20 12.71 -20.43 0.12
CA SER A 20 13.36 -21.40 1.00
C SER A 20 12.81 -22.81 0.79
N GLU A 21 11.75 -22.92 -0.02
CA GLU A 21 11.16 -24.22 -0.32
C GLU A 21 11.59 -24.69 -1.72
N ARG A 22 12.90 -24.78 -1.93
CA ARG A 22 13.44 -25.22 -3.23
C ARG A 22 14.26 -26.50 -3.05
N GLY A 23 14.37 -27.29 -4.12
CA GLY A 23 15.15 -28.51 -4.04
C GLY A 23 16.58 -28.22 -3.64
N LEU A 24 17.16 -27.18 -4.22
CA LEU A 24 18.54 -26.80 -3.90
C LEU A 24 18.72 -25.29 -3.93
N VAL A 25 18.71 -24.69 -2.75
CA VAL A 25 18.89 -23.25 -2.62
C VAL A 25 20.32 -22.86 -3.00
N ARG A 26 20.44 -21.82 -3.82
CA ARG A 26 21.75 -21.33 -4.25
C ARG A 26 21.80 -19.82 -4.05
N GLN A 27 21.62 -19.43 -2.79
CA GLN A 27 21.60 -18.04 -2.37
C GLN A 27 22.76 -17.21 -2.89
N GLU A 28 23.97 -17.77 -2.86
CA GLU A 28 25.16 -17.06 -3.32
C GLU A 28 25.09 -16.57 -4.77
N GLU A 29 24.29 -17.22 -5.60
CA GLU A 29 24.17 -16.82 -7.00
C GLU A 29 23.39 -15.52 -7.19
N ALA A 30 22.70 -15.08 -6.14
CA ALA A 30 21.92 -13.85 -6.21
C ALA A 30 22.71 -12.63 -5.69
N GLU A 31 23.94 -12.86 -5.25
CA GLU A 31 24.77 -11.77 -4.74
C GLU A 31 25.21 -10.77 -5.80
N ASP A 32 25.29 -9.50 -5.41
CA ASP A 32 25.72 -8.41 -6.29
C ASP A 32 26.23 -7.28 -5.41
N PRO A 33 27.53 -7.33 -5.06
CA PRO A 33 28.18 -6.31 -4.21
C PRO A 33 28.06 -4.89 -4.74
N ALA A 34 27.82 -4.74 -6.04
CA ALA A 34 27.68 -3.42 -6.63
C ALA A 34 26.39 -2.73 -6.17
N CYS A 35 25.47 -3.52 -5.61
CA CYS A 35 24.20 -2.98 -5.15
C CYS A 35 24.22 -2.55 -3.69
N ILE A 36 25.40 -2.54 -3.07
CA ILE A 36 25.52 -2.12 -1.67
C ILE A 36 24.95 -0.69 -1.60
N PRO A 37 24.21 -0.37 -0.53
CA PRO A 37 23.61 0.96 -0.38
C PRO A 37 24.60 2.12 -0.24
N ILE A 38 24.13 3.32 -0.49
CA ILE A 38 24.94 4.52 -0.33
C ILE A 38 24.74 4.93 1.13
N PHE A 39 23.50 4.81 1.59
CA PHE A 39 23.14 5.18 2.96
C PHE A 39 22.38 4.11 3.73
N TRP A 40 22.62 4.06 5.04
CA TRP A 40 21.92 3.16 5.95
C TRP A 40 22.15 3.74 7.34
N VAL A 41 21.31 3.35 8.30
CA VAL A 41 21.41 3.85 9.66
C VAL A 41 22.44 3.05 10.44
N SER A 42 23.52 3.72 10.87
CA SER A 42 24.57 3.02 11.61
C SER A 42 24.29 2.93 13.11
N LYS A 43 23.46 3.84 13.61
CA LYS A 43 23.10 3.85 15.02
C LYS A 43 21.91 4.79 15.27
N TRP A 44 21.24 4.57 16.39
CA TRP A 44 20.08 5.39 16.74
C TRP A 44 19.82 5.34 18.25
N VAL A 45 19.15 6.37 18.75
CA VAL A 45 18.81 6.46 20.16
C VAL A 45 17.37 6.98 20.23
N ASP A 46 16.52 6.24 20.91
CA ASP A 46 15.11 6.61 21.02
C ASP A 46 14.79 7.36 22.32
N TYR A 47 14.58 8.66 22.20
CA TYR A 47 14.23 9.49 23.34
C TYR A 47 12.93 10.19 22.96
N SER A 48 12.11 9.47 22.20
CA SER A 48 10.83 9.99 21.73
C SER A 48 9.86 10.30 22.86
N ASP A 49 10.22 9.90 24.07
CA ASP A 49 9.37 10.17 25.22
C ASP A 49 9.43 11.66 25.55
N LYS A 50 10.48 12.34 25.10
CA LYS A 50 10.62 13.75 25.40
C LYS A 50 11.07 14.66 24.25
N TYR A 51 11.95 14.17 23.38
CA TYR A 51 12.44 15.00 22.28
C TYR A 51 12.30 14.40 20.88
N GLY A 52 12.67 13.14 20.74
CA GLY A 52 12.56 12.49 19.45
C GLY A 52 13.57 11.36 19.30
N LEU A 53 13.79 10.93 18.06
CA LEU A 53 14.73 9.85 17.80
C LEU A 53 15.93 10.36 17.03
N GLY A 54 17.11 10.18 17.60
CA GLY A 54 18.33 10.61 16.95
C GLY A 54 18.93 9.43 16.23
N TYR A 55 19.69 9.70 15.18
CA TYR A 55 20.31 8.63 14.42
C TYR A 55 21.52 9.13 13.64
N GLN A 56 22.36 8.19 13.23
CA GLN A 56 23.54 8.50 12.45
C GLN A 56 23.49 7.64 11.19
N LEU A 57 23.86 8.23 10.05
CA LEU A 57 23.91 7.48 8.80
C LEU A 57 25.35 7.02 8.66
N CYS A 58 25.58 6.03 7.79
CA CYS A 58 26.93 5.48 7.61
C CYS A 58 28.01 6.47 7.15
N ASP A 59 27.60 7.64 6.65
CA ASP A 59 28.56 8.64 6.18
C ASP A 59 28.96 9.58 7.32
N ASN A 60 28.54 9.22 8.53
CA ASN A 60 28.83 10.01 9.73
C ASN A 60 27.91 11.22 9.92
N SER A 61 26.97 11.43 9.01
CA SER A 61 26.04 12.54 9.18
C SER A 61 25.09 12.16 10.31
N VAL A 62 24.51 13.15 10.97
CA VAL A 62 23.61 12.91 12.10
C VAL A 62 22.24 13.49 11.80
N GLY A 63 21.21 12.93 12.43
CA GLY A 63 19.87 13.44 12.23
C GLY A 63 18.97 13.21 13.42
N VAL A 64 17.88 13.96 13.49
CA VAL A 64 16.92 13.80 14.57
C VAL A 64 15.51 14.01 14.03
N LEU A 65 14.64 13.05 14.28
CA LEU A 65 13.24 13.18 13.88
C LEU A 65 12.55 13.51 15.21
N PHE A 66 12.34 14.80 15.44
CA PHE A 66 11.70 15.30 16.67
C PHE A 66 10.26 14.83 16.81
N ASN A 67 9.71 14.93 18.02
CA ASN A 67 8.33 14.50 18.27
C ASN A 67 7.27 15.32 17.55
N ASP A 68 7.63 16.49 17.04
CA ASP A 68 6.67 17.33 16.33
C ASP A 68 6.74 17.04 14.83
N SER A 69 7.34 15.90 14.49
CA SER A 69 7.49 15.43 13.12
C SER A 69 8.42 16.24 12.22
N THR A 70 9.28 17.07 12.82
CA THR A 70 10.22 17.85 12.02
C THR A 70 11.57 17.14 12.08
N ARG A 71 12.40 17.36 11.07
CA ARG A 71 13.72 16.73 11.05
C ARG A 71 14.85 17.73 10.87
N LEU A 72 15.95 17.50 11.55
CA LEU A 72 17.13 18.34 11.44
C LEU A 72 18.30 17.40 11.15
N ILE A 73 19.06 17.72 10.11
CA ILE A 73 20.19 16.92 9.70
C ILE A 73 21.48 17.73 9.74
N LEU A 74 22.52 17.12 10.27
CA LEU A 74 23.83 17.76 10.35
C LEU A 74 24.77 16.92 9.50
N TYR A 75 25.25 17.49 8.40
CA TYR A 75 26.15 16.80 7.49
C TYR A 75 27.47 16.45 8.17
N ASN A 76 28.25 15.58 7.53
CA ASN A 76 29.52 15.17 8.10
C ASN A 76 30.57 16.27 8.15
N ASP A 77 30.26 17.45 7.59
CA ASP A 77 31.21 18.55 7.65
C ASP A 77 31.06 19.26 8.99
N GLY A 78 30.07 18.82 9.78
CA GLY A 78 29.83 19.39 11.10
C GLY A 78 29.30 20.81 11.16
N ASP A 79 28.84 21.34 10.03
CA ASP A 79 28.32 22.71 10.01
C ASP A 79 27.08 22.84 9.14
N SER A 80 27.08 22.20 7.98
CA SER A 80 25.94 22.24 7.09
C SER A 80 24.75 21.54 7.73
N LEU A 81 23.58 22.18 7.65
CA LEU A 81 22.37 21.64 8.21
C LEU A 81 21.26 21.67 7.18
N GLN A 82 20.26 20.82 7.38
CA GLN A 82 19.11 20.77 6.52
C GLN A 82 17.92 20.55 7.46
N TYR A 83 16.92 21.40 7.35
CA TYR A 83 15.73 21.29 8.20
C TYR A 83 14.54 20.91 7.34
N ILE A 84 13.78 19.92 7.78
CA ILE A 84 12.62 19.46 7.04
C ILE A 84 11.38 19.61 7.91
N GLU A 85 10.40 20.34 7.41
CA GLU A 85 9.15 20.57 8.13
C GLU A 85 8.24 19.35 8.06
N ARG A 86 7.15 19.38 8.81
CA ARG A 86 6.20 18.28 8.83
C ARG A 86 5.74 17.93 7.41
N ASP A 87 5.59 18.97 6.59
CA ASP A 87 5.16 18.81 5.20
C ASP A 87 6.20 18.07 4.39
N GLY A 88 7.46 18.45 4.59
CA GLY A 88 8.55 17.84 3.86
C GLY A 88 9.40 18.96 3.29
N THR A 89 8.87 20.19 3.37
CA THR A 89 9.57 21.37 2.87
C THR A 89 10.93 21.43 3.53
N GLU A 90 11.97 21.51 2.72
CA GLU A 90 13.33 21.54 3.23
C GLU A 90 13.96 22.92 3.11
N SER A 91 14.92 23.19 3.99
CA SER A 91 15.63 24.45 3.98
C SER A 91 17.07 24.17 4.38
N TYR A 92 18.00 24.78 3.66
CA TYR A 92 19.42 24.61 3.93
C TYR A 92 19.98 25.75 4.76
N LEU A 93 20.84 25.42 5.71
CA LEU A 93 21.48 26.43 6.55
C LEU A 93 22.69 25.81 7.23
N THR A 94 23.33 26.58 8.10
CA THR A 94 24.51 26.07 8.79
C THR A 94 24.47 26.45 10.26
N VAL A 95 25.29 25.79 11.05
CA VAL A 95 25.36 26.07 12.48
C VAL A 95 26.02 27.43 12.66
N SER A 96 27.11 27.67 11.93
CA SER A 96 27.84 28.93 12.00
C SER A 96 26.84 30.08 11.93
N SER A 97 25.94 30.03 10.95
CA SER A 97 24.90 31.04 10.83
C SER A 97 23.95 30.69 11.97
N HIS A 98 23.46 31.68 12.70
CA HIS A 98 22.56 31.41 13.81
C HIS A 98 21.07 31.60 13.55
N PRO A 99 20.43 30.66 12.83
CA PRO A 99 19.00 30.82 12.58
C PRO A 99 18.32 30.64 13.94
N ASN A 100 18.09 31.76 14.62
CA ASN A 100 17.50 31.77 15.95
C ASN A 100 16.39 30.77 16.24
N SER A 101 15.44 30.63 15.33
CA SER A 101 14.33 29.72 15.55
C SER A 101 14.75 28.24 15.61
N LEU A 102 15.98 27.95 15.20
CA LEU A 102 16.45 26.56 15.22
C LEU A 102 17.51 26.25 16.26
N MET A 103 17.90 27.24 17.05
CA MET A 103 18.95 27.01 18.04
C MET A 103 18.65 25.93 19.08
N LYS A 104 17.40 25.81 19.51
CA LYS A 104 17.04 24.78 20.48
C LYS A 104 17.25 23.40 19.88
N LYS A 105 16.68 23.18 18.70
CA LYS A 105 16.78 21.90 18.01
C LYS A 105 18.21 21.54 17.60
N ILE A 106 19.00 22.57 17.29
CA ILE A 106 20.38 22.34 16.91
C ILE A 106 21.12 21.87 18.15
N THR A 107 20.86 22.50 19.28
CA THR A 107 21.50 22.12 20.54
C THR A 107 21.10 20.69 20.91
N LEU A 108 19.83 20.35 20.75
CA LEU A 108 19.37 19.00 21.05
C LEU A 108 20.10 17.99 20.15
N LEU A 109 20.20 18.30 18.87
CA LEU A 109 20.87 17.41 17.94
C LEU A 109 22.31 17.11 18.38
N LYS A 110 23.02 18.15 18.84
CA LYS A 110 24.40 17.98 19.29
C LYS A 110 24.54 17.03 20.48
N TYR A 111 23.58 17.07 21.40
CA TYR A 111 23.63 16.17 22.55
C TYR A 111 23.40 14.75 22.04
N PHE A 112 22.47 14.59 21.10
CA PHE A 112 22.19 13.28 20.52
C PHE A 112 23.46 12.79 19.82
N ARG A 113 24.07 13.67 19.04
CA ARG A 113 25.28 13.34 18.30
C ARG A 113 26.39 12.83 19.21
N ASN A 114 26.64 13.55 20.30
CA ASN A 114 27.68 13.18 21.24
C ASN A 114 27.39 11.84 21.91
N TYR A 115 26.13 11.64 22.30
CA TYR A 115 25.77 10.39 22.94
C TYR A 115 26.05 9.19 22.01
N MET A 116 25.53 9.27 20.79
CA MET A 116 25.72 8.18 19.84
C MET A 116 27.20 7.94 19.55
N SER A 117 27.94 9.02 19.39
CA SER A 117 29.37 8.93 19.11
C SER A 117 30.16 8.24 20.22
N GLU A 118 29.76 8.49 21.46
CA GLU A 118 30.46 7.93 22.62
C GLU A 118 30.00 6.56 23.11
N HIS A 119 28.73 6.24 22.96
CA HIS A 119 28.24 4.98 23.49
C HIS A 119 27.77 3.89 22.55
N LEU A 120 27.52 4.20 21.28
CA LEU A 120 27.02 3.19 20.35
C LEU A 120 27.94 2.74 19.23
N LEU A 121 27.79 1.48 18.85
CA LEU A 121 28.56 0.87 17.76
C LEU A 121 28.04 1.35 16.42
N LYS A 122 28.94 1.45 15.44
CA LYS A 122 28.55 1.87 14.11
C LYS A 122 28.23 0.61 13.31
N ALA A 123 26.96 0.38 13.00
CA ALA A 123 26.56 -0.79 12.24
C ALA A 123 27.12 -0.69 10.82
N GLY A 124 27.57 -1.81 10.28
CA GLY A 124 28.12 -1.82 8.94
C GLY A 124 29.45 -1.09 8.85
N ALA A 125 30.17 -1.03 9.98
CA ALA A 125 31.46 -0.36 10.02
C ALA A 125 32.46 -1.01 9.05
N ASN A 126 32.30 -2.30 8.80
CA ASN A 126 33.18 -3.04 7.90
C ASN A 126 32.72 -2.96 6.44
N ILE A 127 31.76 -2.10 6.17
CA ILE A 127 31.24 -1.95 4.81
C ILE A 127 31.62 -0.61 4.18
N THR A 128 32.03 -0.66 2.92
CA THR A 128 32.40 0.55 2.19
C THR A 128 31.15 0.98 1.42
N PRO A 129 30.52 2.08 1.85
CA PRO A 129 29.31 2.57 1.17
C PRO A 129 29.53 2.75 -0.32
N ARG A 130 28.44 2.78 -1.08
CA ARG A 130 28.53 2.97 -2.52
C ARG A 130 28.68 4.47 -2.76
N GLU A 131 29.34 4.81 -3.87
CA GLU A 131 29.56 6.21 -4.24
C GLU A 131 28.25 6.96 -4.52
N GLY A 132 28.16 8.19 -4.02
CA GLY A 132 26.97 8.98 -4.24
C GLY A 132 27.03 9.79 -5.52
N LEU A 138 21.37 14.19 0.52
CA LEU A 138 21.34 13.49 1.85
C LEU A 138 19.89 13.21 2.25
N PRO A 139 19.55 11.94 2.51
CA PRO A 139 18.18 11.60 2.91
C PRO A 139 17.95 11.82 4.40
N TYR A 140 16.68 11.93 4.78
CA TYR A 140 16.33 12.12 6.19
C TYR A 140 15.38 11.00 6.59
N LEU A 141 15.19 10.82 7.91
CA LEU A 141 14.31 9.79 8.41
C LEU A 141 12.88 10.30 8.26
N ARG A 142 12.12 9.64 7.41
CA ARG A 142 10.75 10.00 7.16
C ARG A 142 9.89 9.56 8.33
N THR A 143 10.02 8.29 8.70
CA THR A 143 9.25 7.74 9.80
C THR A 143 9.96 6.52 10.37
N TRP A 144 9.48 6.05 11.52
CA TRP A 144 10.02 4.88 12.17
C TRP A 144 9.03 4.39 13.20
N PHE A 145 9.20 3.14 13.62
CA PHE A 145 8.37 2.54 14.63
C PHE A 145 9.02 1.25 15.09
N ARG A 146 8.62 0.78 16.27
CA ARG A 146 9.17 -0.44 16.82
C ARG A 146 8.07 -1.47 17.03
N THR A 147 8.47 -2.73 16.97
CA THR A 147 7.55 -3.85 17.21
C THR A 147 8.21 -4.54 18.39
N ARG A 148 7.70 -5.70 18.78
CA ARG A 148 8.32 -6.41 19.89
C ARG A 148 9.65 -7.01 19.45
N SER A 149 9.84 -7.20 18.15
CA SER A 149 11.07 -7.81 17.66
C SER A 149 12.04 -6.95 16.83
N ALA A 150 11.64 -5.74 16.44
CA ALA A 150 12.52 -4.92 15.62
C ALA A 150 12.15 -3.44 15.53
N ILE A 151 13.06 -2.64 15.00
CA ILE A 151 12.80 -1.22 14.77
C ILE A 151 12.83 -1.06 13.25
N ILE A 152 11.84 -0.36 12.73
CA ILE A 152 11.70 -0.14 11.30
C ILE A 152 12.02 1.33 11.01
N LEU A 153 12.91 1.56 10.05
CA LEU A 153 13.35 2.90 9.69
C LEU A 153 13.15 3.17 8.20
N HIS A 154 12.42 4.23 7.89
CA HIS A 154 12.12 4.59 6.50
C HIS A 154 12.80 5.91 6.10
N LEU A 155 13.79 5.82 5.21
CA LEU A 155 14.51 6.99 4.73
C LEU A 155 13.79 7.65 3.58
N SER A 156 14.01 8.95 3.42
CA SER A 156 13.38 9.73 2.36
C SER A 156 13.81 9.36 0.94
N ASN A 157 14.85 8.52 0.81
CA ASN A 157 15.27 8.12 -0.53
C ASN A 157 14.59 6.81 -0.93
N GLY A 158 13.65 6.36 -0.11
CA GLY A 158 12.93 5.13 -0.39
C GLY A 158 13.41 3.90 0.34
N SER A 159 14.61 3.95 0.90
CA SER A 159 15.15 2.81 1.61
C SER A 159 14.43 2.52 2.92
N VAL A 160 14.32 1.23 3.23
CA VAL A 160 13.69 0.77 4.45
C VAL A 160 14.70 -0.16 5.13
N GLN A 161 14.99 0.15 6.39
CA GLN A 161 15.92 -0.63 7.17
C GLN A 161 15.23 -1.23 8.38
N ILE A 162 15.51 -2.50 8.64
CA ILE A 162 14.90 -3.19 9.76
C ILE A 162 15.99 -3.84 10.60
N ASN A 163 16.10 -3.41 11.86
CA ASN A 163 17.09 -3.96 12.79
C ASN A 163 16.34 -4.89 13.76
N PHE A 164 16.76 -6.15 13.82
CA PHE A 164 16.12 -7.11 14.71
C PHE A 164 16.83 -7.12 16.06
N PHE A 165 16.05 -6.96 17.13
CA PHE A 165 16.59 -6.90 18.49
C PHE A 165 17.27 -8.16 19.01
N GLN A 166 16.57 -9.29 18.96
CA GLN A 166 17.08 -10.56 19.49
C GLN A 166 18.45 -11.03 19.00
N ASP A 167 18.66 -11.06 17.68
CA ASP A 167 19.92 -11.55 17.17
C ASP A 167 20.79 -10.50 16.48
N HIS A 168 20.36 -9.24 16.52
CA HIS A 168 21.10 -8.13 15.94
C HIS A 168 21.29 -8.19 14.44
N THR A 169 20.48 -8.99 13.76
CA THR A 169 20.57 -9.08 12.30
C THR A 169 19.85 -7.86 11.71
N LYS A 170 20.28 -7.42 10.53
CA LYS A 170 19.66 -6.25 9.94
C LYS A 170 19.41 -6.39 8.45
N LEU A 171 18.31 -5.80 8.00
CA LEU A 171 17.92 -5.79 6.60
C LEU A 171 17.88 -4.37 6.08
N ILE A 172 18.48 -4.15 4.92
CA ILE A 172 18.44 -2.84 4.29
C ILE A 172 17.89 -3.06 2.88
N LEU A 173 16.67 -2.58 2.65
CA LEU A 173 15.99 -2.71 1.38
C LEU A 173 16.10 -1.43 0.56
N CYS A 174 16.60 -1.57 -0.66
CA CYS A 174 16.79 -0.45 -1.58
C CYS A 174 15.97 -0.69 -2.83
N PRO A 175 14.82 -0.01 -2.93
CA PRO A 175 13.88 -0.10 -4.06
C PRO A 175 14.41 0.28 -5.44
N LEU A 176 15.27 1.30 -5.50
CA LEU A 176 15.80 1.72 -6.80
C LEU A 176 16.56 0.59 -7.47
N MET A 177 17.37 -0.13 -6.71
CA MET A 177 18.12 -1.23 -7.28
C MET A 177 17.45 -2.58 -7.04
N ALA A 178 16.23 -2.55 -6.48
CA ALA A 178 15.49 -3.77 -6.19
C ALA A 178 16.45 -4.76 -5.54
N ALA A 179 17.11 -4.31 -4.48
CA ALA A 179 18.08 -5.13 -3.79
C ALA A 179 17.89 -5.08 -2.29
N VAL A 180 18.55 -6.01 -1.60
CA VAL A 180 18.49 -6.07 -0.16
C VAL A 180 19.85 -6.47 0.39
N THR A 181 20.26 -5.79 1.46
CA THR A 181 21.52 -6.10 2.11
C THR A 181 21.19 -6.72 3.46
N TYR A 182 21.79 -7.86 3.73
CA TYR A 182 21.56 -8.57 4.98
C TYR A 182 22.83 -8.65 5.81
N ILE A 183 22.73 -8.23 7.07
CA ILE A 183 23.86 -8.27 7.98
C ILE A 183 23.52 -9.31 9.05
N ASP A 184 24.34 -10.35 9.18
CA ASP A 184 24.07 -11.38 10.19
C ASP A 184 24.69 -11.02 11.54
N GLU A 185 24.45 -11.86 12.56
CA GLU A 185 24.98 -11.54 13.89
C GLU A 185 26.49 -11.47 13.97
N LYS A 186 27.19 -12.13 13.06
CA LYS A 186 28.66 -12.09 13.04
C LYS A 186 29.12 -10.82 12.35
N ARG A 187 28.16 -10.02 11.93
CA ARG A 187 28.42 -8.76 11.25
C ARG A 187 28.90 -8.96 9.83
N ASP A 188 28.72 -10.17 9.30
CA ASP A 188 29.08 -10.43 7.92
C ASP A 188 27.93 -9.83 7.13
N PHE A 189 28.23 -9.29 5.96
CA PHE A 189 27.18 -8.68 5.15
C PHE A 189 27.19 -9.21 3.73
N ARG A 190 26.00 -9.26 3.14
CA ARG A 190 25.83 -9.72 1.77
C ARG A 190 24.70 -8.91 1.14
N THR A 191 24.86 -8.57 -0.14
CA THR A 191 23.85 -7.81 -0.87
C THR A 191 23.32 -8.69 -1.99
N TYR A 192 21.99 -8.72 -2.13
CA TYR A 192 21.33 -9.56 -3.14
C TYR A 192 20.33 -8.79 -4.01
N ARG A 193 20.22 -9.20 -5.28
CA ARG A 193 19.24 -8.62 -6.18
C ARG A 193 18.00 -9.48 -5.88
N LEU A 194 16.90 -8.84 -5.55
CA LEU A 194 15.67 -9.56 -5.22
C LEU A 194 15.21 -10.48 -6.35
N SER A 195 15.37 -10.05 -7.59
CA SER A 195 14.95 -10.88 -8.72
C SER A 195 15.75 -12.18 -8.79
N LEU A 196 17.02 -12.13 -8.38
CA LEU A 196 17.86 -13.32 -8.39
C LEU A 196 17.51 -14.25 -7.21
N LEU A 197 16.96 -13.68 -6.14
CA LEU A 197 16.57 -14.50 -4.99
C LEU A 197 15.31 -15.30 -5.40
N GLU A 198 14.43 -14.68 -6.19
CA GLU A 198 13.23 -15.39 -6.64
C GLU A 198 13.69 -16.57 -7.48
N GLU A 199 14.74 -16.35 -8.25
CA GLU A 199 15.25 -17.39 -9.12
C GLU A 199 16.03 -18.50 -8.44
N TYR A 200 16.96 -18.13 -7.57
CA TYR A 200 17.81 -19.12 -6.92
C TYR A 200 17.50 -19.51 -5.48
N GLY A 201 16.58 -18.79 -4.85
CA GLY A 201 16.19 -19.11 -3.49
C GLY A 201 17.10 -18.56 -2.42
N CYS A 202 16.75 -18.84 -1.15
CA CYS A 202 17.55 -18.38 -0.03
C CYS A 202 17.27 -19.24 1.19
N CYS A 203 18.09 -19.13 2.22
CA CYS A 203 17.91 -19.92 3.43
C CYS A 203 16.62 -19.52 4.13
N LYS A 204 16.16 -20.37 5.04
CA LYS A 204 14.92 -20.11 5.78
C LYS A 204 14.97 -18.84 6.62
N GLU A 205 16.14 -18.50 7.14
CA GLU A 205 16.28 -17.30 7.95
C GLU A 205 16.03 -16.05 7.13
N LEU A 206 16.72 -15.91 6.01
CA LEU A 206 16.52 -14.73 5.16
C LEU A 206 15.09 -14.74 4.63
N ALA A 207 14.56 -15.91 4.32
CA ALA A 207 13.19 -16.00 3.82
C ALA A 207 12.20 -15.46 4.86
N SER A 208 12.38 -15.89 6.11
CA SER A 208 11.53 -15.44 7.21
C SER A 208 11.59 -13.92 7.37
N ARG A 209 12.79 -13.37 7.34
CA ARG A 209 12.97 -11.94 7.48
C ARG A 209 12.37 -11.15 6.33
N LEU A 210 12.40 -11.71 5.13
CA LEU A 210 11.83 -11.02 3.97
C LEU A 210 10.30 -11.02 4.06
N ARG A 211 9.72 -12.07 4.65
CA ARG A 211 8.27 -12.12 4.83
C ARG A 211 7.89 -11.04 5.85
N TYR A 212 8.65 -10.96 6.94
CA TYR A 212 8.39 -9.97 7.98
C TYR A 212 8.53 -8.56 7.40
N ALA A 213 9.55 -8.35 6.58
CA ALA A 213 9.79 -7.06 5.95
C ALA A 213 8.59 -6.61 5.12
N ARG A 214 7.99 -7.56 4.41
CA ARG A 214 6.81 -7.28 3.58
C ARG A 214 5.71 -6.74 4.51
N THR A 215 5.56 -7.40 5.66
CA THR A 215 4.56 -7.00 6.65
C THR A 215 4.89 -5.61 7.20
N MET A 216 6.17 -5.33 7.39
CA MET A 216 6.57 -4.03 7.90
C MET A 216 6.34 -2.93 6.88
N VAL A 217 6.51 -3.25 5.59
CA VAL A 217 6.29 -2.25 4.56
C VAL A 217 4.82 -1.87 4.51
N ASP A 218 3.94 -2.86 4.72
CA ASP A 218 2.51 -2.58 4.73
C ASP A 218 2.19 -1.67 5.91
N LYS A 219 2.83 -1.93 7.05
CA LYS A 219 2.58 -1.10 8.24
C LYS A 219 3.01 0.33 7.98
N LEU A 220 4.07 0.52 7.20
CA LEU A 220 4.53 1.86 6.87
C LEU A 220 3.45 2.54 6.00
N LEU A 221 2.86 1.78 5.08
CA LEU A 221 1.81 2.32 4.22
C LEU A 221 0.58 2.68 5.06
N SER A 222 0.25 1.84 6.03
CA SER A 222 -0.90 2.10 6.90
C SER A 222 -0.66 3.35 7.74
N SER A 223 0.55 3.49 8.30
CA SER A 223 0.88 4.66 9.10
C SER A 223 0.78 5.92 8.26
N ARG A 224 1.24 5.83 7.02
CA ARG A 224 1.18 6.97 6.12
C ARG A 224 -0.27 7.34 5.81
N SER A 225 -1.12 6.34 5.64
CA SER A 225 -2.53 6.62 5.34
C SER A 225 -3.19 7.28 6.54
N ALA A 226 -2.75 6.92 7.75
CA ALA A 226 -3.29 7.50 8.97
C ALA A 226 -2.77 8.94 9.12
N SER A 227 -1.46 9.11 8.92
CA SER A 227 -0.86 10.43 9.05
C SER A 227 -1.41 11.40 8.00
N ASN A 228 -1.81 10.87 6.84
CA ASN A 228 -2.36 11.71 5.79
C ASN A 228 -3.72 12.27 6.20
N ARG A 229 -4.49 11.46 6.93
CA ARG A 229 -5.81 11.86 7.41
C ARG A 229 -5.75 13.07 8.33
N LEU A 230 -4.58 13.33 8.91
CA LEU A 230 -4.42 14.47 9.81
C LEU A 230 -3.98 15.74 9.09
N LYS A 231 -2.95 15.64 8.27
CA LYS A 231 -2.42 16.78 7.53
C LYS A 231 -3.50 17.66 6.90
C1 5PV B 1 18.79 17.84 27.80
C2 5PV B 1 20.14 18.37 27.33
C3 5PV B 1 20.38 19.81 27.80
C4 5PV B 1 19.28 20.73 27.33
C5 5PV B 1 17.94 20.22 27.81
C6 5PV B 1 17.69 18.79 27.35
C7 5PV B 1 18.56 16.41 27.30
C8 5PV B 1 19.79 15.64 26.85
C9 5PV B 1 20.88 15.54 27.89
C10 5PV B 1 22.02 14.62 27.46
C11 5PV B 1 21.59 13.17 27.34
O2 5PV B 1 21.02 12.61 28.26
C ACA B 2 17.83 6.76 26.29
O ACA B 2 18.83 6.04 26.41
C2 ACA B 2 17.93 8.13 25.66
C3 ACA B 2 19.33 8.98 25.89
C4 ACA B 2 19.44 10.34 25.21
C5 ACA B 2 20.88 10.72 24.85
C6 ACA B 2 21.80 11.12 26.00
N ACA B 2 21.86 12.58 26.18
N PRO B 3 16.61 6.36 26.69
CA PRO B 3 16.31 5.07 27.34
C PRO B 3 16.46 3.83 26.44
N LEU B 4 16.07 3.95 25.18
CA LEU B 4 16.17 2.85 24.21
C LEU B 4 17.16 3.28 23.16
N HIS B 5 18.01 2.36 22.72
CA HIS B 5 19.03 2.70 21.73
C HIS B 5 19.54 1.47 20.99
N SER B 6 20.30 1.72 19.93
CA SER B 6 20.89 0.63 19.15
C SER B 6 22.03 0.01 19.94
N TPO B 7 22.77 -0.93 19.32
CA TPO B 7 23.67 -1.78 20.09
CB TPO B 7 24.27 -2.92 19.20
CG2 TPO B 7 25.21 -3.80 19.99
OG1 TPO B 7 23.08 -3.65 18.79
P TPO B 7 22.60 -3.71 17.26
O1P TPO B 7 23.66 -4.15 16.34
O2P TPO B 7 22.10 -2.31 16.96
O3P TPO B 7 21.41 -4.64 17.32
C TPO B 7 24.86 -0.90 20.60
O TPO B 7 25.42 -0.11 19.88
N MET B 8 25.21 -1.06 21.87
CA MET B 8 26.26 -0.23 22.46
C MET B 8 27.65 -0.76 22.13
N NH2 B 9 28.65 0.11 22.12
N ASP C 1 -31.73 -0.98 -4.86
CA ASP C 1 -32.49 0.05 -4.11
C ASP C 1 -33.00 1.16 -5.03
N CYS C 2 -32.97 2.39 -4.51
CA CYS C 2 -33.42 3.55 -5.26
C CYS C 2 -32.40 3.89 -6.34
N HIS C 3 -31.13 3.83 -5.98
CA HIS C 3 -30.06 4.13 -6.93
C HIS C 3 -30.02 3.12 -8.06
N LEU C 4 -30.33 1.86 -7.77
CA LEU C 4 -30.33 0.85 -8.82
C LEU C 4 -31.36 1.20 -9.89
N SER C 5 -32.48 1.78 -9.45
CA SER C 5 -33.55 2.19 -10.36
C SER C 5 -33.05 3.33 -11.23
N ASP C 6 -32.27 4.24 -10.63
CA ASP C 6 -31.71 5.36 -11.36
C ASP C 6 -30.71 4.84 -12.39
N MET C 7 -29.91 3.85 -11.99
CA MET C 7 -28.90 3.27 -12.87
C MET C 7 -29.54 2.58 -14.08
N LEU C 8 -30.62 1.85 -13.82
CA LEU C 8 -31.32 1.15 -14.87
C LEU C 8 -31.89 2.11 -15.91
N GLN C 9 -32.43 3.24 -15.43
CA GLN C 9 -32.99 4.23 -16.33
C GLN C 9 -31.85 4.83 -17.16
N GLN C 10 -30.74 5.11 -16.49
CA GLN C 10 -29.56 5.67 -17.16
C GLN C 10 -29.05 4.74 -18.24
N LEU C 11 -28.99 3.45 -17.92
CA LEU C 11 -28.53 2.44 -18.87
C LEU C 11 -29.53 2.27 -20.00
N HIS C 12 -30.82 2.36 -19.68
CA HIS C 12 -31.85 2.22 -20.71
C HIS C 12 -31.75 3.33 -21.75
N SER C 13 -31.51 4.56 -21.28
CA SER C 13 -31.39 5.72 -22.17
C SER C 13 -30.29 5.56 -23.21
N VAL C 14 -29.10 5.17 -22.74
CA VAL C 14 -27.96 4.98 -23.63
C VAL C 14 -28.14 3.80 -24.58
N ASN C 15 -28.54 2.65 -24.06
CA ASN C 15 -28.70 1.49 -24.91
C ASN C 15 -29.77 1.64 -25.99
N ALA C 16 -30.86 2.30 -25.64
CA ALA C 16 -31.94 2.53 -26.60
C ALA C 16 -31.46 3.40 -27.75
N SER C 17 -30.52 4.30 -27.46
CA SER C 17 -29.98 5.20 -28.49
C SER C 17 -29.03 4.51 -29.45
N LYS C 18 -28.70 3.24 -29.17
CA LYS C 18 -27.79 2.46 -30.02
C LYS C 18 -26.53 3.26 -30.33
N PRO C 19 -25.69 3.50 -29.31
CA PRO C 19 -24.45 4.27 -29.41
C PRO C 19 -23.36 3.78 -30.37
N SER C 20 -23.35 2.49 -30.70
CA SER C 20 -22.33 1.99 -31.61
C SER C 20 -22.73 2.10 -33.06
N GLU C 21 -24.00 2.41 -33.30
CA GLU C 21 -24.53 2.54 -34.65
C GLU C 21 -24.72 4.00 -35.01
N ARG C 22 -23.61 4.71 -35.19
CA ARG C 22 -23.64 6.12 -35.54
C ARG C 22 -22.74 6.44 -36.73
N GLY C 23 -23.03 7.56 -37.39
CA GLY C 23 -22.24 7.96 -38.54
C GLY C 23 -20.75 8.06 -38.24
N LEU C 24 -20.42 8.70 -37.13
CA LEU C 24 -19.03 8.83 -36.72
C LEU C 24 -18.98 8.85 -35.21
N VAL C 25 -18.60 7.71 -34.64
CA VAL C 25 -18.49 7.58 -33.19
C VAL C 25 -17.43 8.54 -32.68
N ARG C 26 -17.75 9.25 -31.61
CA ARG C 26 -16.81 10.21 -31.00
C ARG C 26 -16.74 9.94 -29.50
N GLN C 27 -16.33 8.72 -29.16
CA GLN C 27 -16.23 8.27 -27.77
C GLN C 27 -15.42 9.20 -26.86
N GLU C 28 -14.31 9.68 -27.37
CA GLU C 28 -13.42 10.58 -26.61
C GLU C 28 -14.20 11.76 -26.03
N GLU C 29 -15.14 12.29 -26.80
CA GLU C 29 -15.93 13.43 -26.36
C GLU C 29 -16.95 13.11 -25.28
N ALA C 30 -17.09 11.83 -24.95
CA ALA C 30 -18.02 11.42 -23.91
C ALA C 30 -17.31 11.33 -22.56
N GLU C 31 -15.98 11.45 -22.57
CA GLU C 31 -15.22 11.38 -21.33
C GLU C 31 -15.51 12.61 -20.45
N ASP C 32 -15.48 12.43 -19.14
CA ASP C 32 -15.72 13.53 -18.21
C ASP C 32 -14.87 13.36 -16.96
N PRO C 33 -13.70 14.01 -16.93
CA PRO C 33 -12.74 13.98 -15.83
C PRO C 33 -13.32 14.39 -14.48
N ALA C 34 -14.43 15.11 -14.51
CA ALA C 34 -15.05 15.56 -13.27
C ALA C 34 -15.81 14.44 -12.56
N CYS C 35 -16.04 13.34 -13.28
CA CYS C 35 -16.78 12.21 -12.73
C CYS C 35 -15.95 10.99 -12.33
N ILE C 36 -14.63 11.14 -12.25
CA ILE C 36 -13.79 10.02 -11.88
C ILE C 36 -14.26 9.49 -10.52
N PRO C 37 -14.45 8.16 -10.40
CA PRO C 37 -14.91 7.52 -9.16
C PRO C 37 -13.85 7.53 -8.07
N ILE C 38 -14.29 7.58 -6.82
CA ILE C 38 -13.38 7.56 -5.69
C ILE C 38 -13.10 6.11 -5.31
N PHE C 39 -14.14 5.28 -5.33
CA PHE C 39 -14.01 3.88 -4.96
C PHE C 39 -14.37 2.85 -6.02
N TRP C 40 -13.65 1.74 -6.02
CA TRP C 40 -13.92 0.62 -6.89
C TRP C 40 -13.22 -0.59 -6.26
N VAL C 41 -13.63 -1.78 -6.66
CA VAL C 41 -13.04 -3.01 -6.14
C VAL C 41 -11.77 -3.31 -6.94
N SER C 42 -10.65 -3.40 -6.24
CA SER C 42 -9.36 -3.64 -6.89
C SER C 42 -8.92 -5.11 -6.90
N LYS C 43 -9.42 -5.88 -5.95
CA LYS C 43 -9.09 -7.30 -5.82
C LYS C 43 -10.25 -7.99 -5.10
N TRP C 44 -10.39 -9.29 -5.32
CA TRP C 44 -11.44 -10.06 -4.63
C TRP C 44 -11.09 -11.54 -4.59
N VAL C 45 -11.57 -12.22 -3.56
CA VAL C 45 -11.32 -13.64 -3.41
C VAL C 45 -12.61 -14.29 -2.91
N ASP C 46 -13.03 -15.33 -3.61
CA ASP C 46 -14.27 -16.04 -3.32
C ASP C 46 -14.11 -17.32 -2.49
N TYR C 47 -14.52 -17.26 -1.23
CA TYR C 47 -14.49 -18.41 -0.32
C TYR C 47 -15.95 -18.58 0.13
N SER C 48 -16.88 -18.37 -0.79
CA SER C 48 -18.30 -18.45 -0.47
C SER C 48 -18.82 -19.82 -0.02
N ASP C 49 -18.07 -20.87 -0.31
CA ASP C 49 -18.52 -22.21 0.09
C ASP C 49 -18.60 -22.36 1.61
N LYS C 50 -17.86 -21.54 2.34
CA LYS C 50 -17.86 -21.64 3.80
C LYS C 50 -17.88 -20.32 4.57
N TYR C 51 -17.24 -19.29 4.01
CA TYR C 51 -17.16 -18.01 4.71
C TYR C 51 -17.81 -16.80 4.04
N GLY C 52 -17.40 -16.51 2.82
CA GLY C 52 -17.95 -15.38 2.09
C GLY C 52 -17.02 -14.84 1.03
N LEU C 53 -17.19 -13.56 0.68
CA LEU C 53 -16.37 -12.93 -0.34
C LEU C 53 -15.53 -11.81 0.24
N GLY C 54 -14.22 -11.91 0.08
CA GLY C 54 -13.33 -10.87 0.57
C GLY C 54 -12.96 -9.97 -0.58
N TYR C 55 -12.61 -8.73 -0.31
CA TYR C 55 -12.26 -7.81 -1.38
C TYR C 55 -11.44 -6.64 -0.89
N GLN C 56 -10.77 -5.98 -1.82
CA GLN C 56 -9.99 -4.80 -1.51
C GLN C 56 -10.55 -3.67 -2.37
N LEU C 57 -10.61 -2.47 -1.80
CA LEU C 57 -11.07 -1.31 -2.54
C LEU C 57 -9.78 -0.62 -2.99
N CYS C 58 -9.88 0.25 -3.99
CA CYS C 58 -8.72 0.94 -4.53
C CYS C 58 -7.91 1.77 -3.55
N ASP C 59 -8.46 2.05 -2.37
CA ASP C 59 -7.74 2.85 -1.38
C ASP C 59 -6.93 1.94 -0.45
N ASN C 60 -6.94 0.65 -0.77
CA ASN C 60 -6.20 -0.36 0.00
C ASN C 60 -6.93 -0.88 1.24
N SER C 61 -8.13 -0.38 1.48
CA SER C 61 -8.90 -0.88 2.61
C SER C 61 -9.41 -2.23 2.12
N VAL C 62 -9.86 -3.08 3.05
CA VAL C 62 -10.39 -4.37 2.66
C VAL C 62 -11.71 -4.62 3.36
N GLY C 63 -12.52 -5.49 2.76
CA GLY C 63 -13.80 -5.80 3.36
C GLY C 63 -14.23 -7.22 3.06
N VAL C 64 -15.31 -7.66 3.72
CA VAL C 64 -15.84 -8.99 3.51
C VAL C 64 -17.35 -9.01 3.65
N LEU C 65 -18.02 -9.76 2.78
CA LEU C 65 -19.46 -9.93 2.87
C LEU C 65 -19.54 -11.41 3.23
N PHE C 66 -19.82 -11.69 4.50
CA PHE C 66 -19.91 -13.05 5.02
C PHE C 66 -21.22 -13.70 4.57
N ASN C 67 -21.26 -15.04 4.64
CA ASN C 67 -22.45 -15.79 4.24
C ASN C 67 -23.69 -15.45 5.05
N ASP C 68 -23.51 -14.88 6.24
CA ASP C 68 -24.64 -14.53 7.09
C ASP C 68 -25.10 -13.10 6.82
N SER C 69 -24.69 -12.57 5.67
CA SER C 69 -25.03 -11.21 5.23
C SER C 69 -24.52 -10.05 6.09
N THR C 70 -23.50 -10.31 6.89
CA THR C 70 -22.92 -9.23 7.70
C THR C 70 -21.65 -8.80 6.98
N ARG C 71 -21.19 -7.59 7.25
CA ARG C 71 -19.99 -7.07 6.61
C ARG C 71 -19.00 -6.52 7.62
N LEU C 72 -17.72 -6.68 7.31
CA LEU C 72 -16.67 -6.15 8.17
C LEU C 72 -15.64 -5.47 7.26
N ILE C 73 -15.31 -4.22 7.56
CA ILE C 73 -14.34 -3.52 6.74
C ILE C 73 -13.18 -3.00 7.58
N LEU C 74 -11.99 -3.15 7.03
CA LEU C 74 -10.76 -2.69 7.67
C LEU C 74 -10.24 -1.52 6.84
N TYR C 75 -10.15 -0.35 7.48
CA TYR C 75 -9.68 0.85 6.82
C TYR C 75 -8.21 0.75 6.45
N ASN C 76 -7.76 1.60 5.53
CA ASN C 76 -6.38 1.53 5.12
C ASN C 76 -5.37 1.99 6.18
N ASP C 77 -5.86 2.36 7.36
CA ASP C 77 -4.91 2.75 8.41
C ASP C 77 -4.50 1.48 9.15
N GLY C 78 -5.03 0.35 8.69
CA GLY C 78 -4.69 -0.95 9.24
C GLY C 78 -5.20 -1.34 10.62
N ASP C 79 -6.05 -0.54 11.22
CA ASP C 79 -6.56 -0.88 12.55
C ASP C 79 -8.05 -0.53 12.72
N SER C 80 -8.49 0.58 12.13
CA SER C 80 -9.89 1.00 12.24
C SER C 80 -10.82 0.00 11.55
N LEU C 81 -11.94 -0.30 12.22
CA LEU C 81 -12.90 -1.26 11.69
C LEU C 81 -14.34 -0.78 11.73
N GLN C 82 -15.12 -1.25 10.76
CA GLN C 82 -16.53 -0.95 10.70
C GLN C 82 -17.25 -2.27 10.47
N TYR C 83 -18.16 -2.62 11.38
CA TYR C 83 -18.93 -3.85 11.25
C TYR C 83 -20.35 -3.47 10.89
N ILE C 84 -20.92 -4.15 9.89
CA ILE C 84 -22.27 -3.86 9.46
C ILE C 84 -23.15 -5.10 9.57
N GLU C 85 -24.18 -5.00 10.40
CA GLU C 85 -25.10 -6.10 10.62
C GLU C 85 -26.01 -6.30 9.42
N ARG C 86 -26.72 -7.42 9.39
CA ARG C 86 -27.63 -7.72 8.28
C ARG C 86 -28.64 -6.58 8.14
N ASP C 87 -29.04 -6.02 9.29
CA ASP C 87 -30.00 -4.92 9.31
C ASP C 87 -29.35 -3.55 9.08
N GLY C 88 -28.21 -3.54 8.40
CA GLY C 88 -27.53 -2.29 8.09
C GLY C 88 -26.93 -1.49 9.23
N THR C 89 -27.14 -1.94 10.48
CA THR C 89 -26.60 -1.22 11.62
C THR C 89 -25.07 -1.17 11.52
N GLU C 90 -24.50 0.00 11.72
CA GLU C 90 -23.06 0.18 11.64
C GLU C 90 -22.42 0.44 13.01
N SER C 91 -21.35 -0.29 13.30
CA SER C 91 -20.61 -0.14 14.54
C SER C 91 -19.14 0.10 14.21
N TYR C 92 -18.48 0.95 15.00
CA TYR C 92 -17.08 1.25 14.75
C TYR C 92 -16.19 0.87 15.93
N LEU C 93 -15.05 0.26 15.61
CA LEU C 93 -14.09 -0.17 16.60
C LEU C 93 -12.71 -0.33 15.96
N THR C 94 -11.83 -1.07 16.62
CA THR C 94 -10.49 -1.28 16.07
C THR C 94 -10.06 -2.74 16.30
N VAL C 95 -9.13 -3.21 15.47
CA VAL C 95 -8.62 -4.58 15.62
C VAL C 95 -7.94 -4.68 16.98
N SER C 96 -7.31 -3.58 17.40
CA SER C 96 -6.62 -3.55 18.69
C SER C 96 -7.55 -3.70 19.88
N SER C 97 -8.82 -3.37 19.72
CA SER C 97 -9.76 -3.54 20.82
C SER C 97 -10.10 -5.03 20.89
N HIS C 98 -9.84 -5.71 19.76
CA HIS C 98 -10.05 -7.15 19.56
C HIS C 98 -11.31 -7.57 18.78
N PRO C 99 -12.51 -7.64 19.40
CA PRO C 99 -13.10 -7.46 20.73
C PRO C 99 -14.02 -8.64 21.11
N ASN C 100 -13.49 -9.86 21.02
CA ASN C 100 -14.22 -11.08 21.39
C ASN C 100 -15.34 -11.55 20.45
N SER C 101 -16.53 -10.96 20.58
CA SER C 101 -17.67 -11.35 19.75
C SER C 101 -17.36 -11.30 18.25
N LEU C 102 -16.38 -10.50 17.86
CA LEU C 102 -16.01 -10.36 16.45
C LEU C 102 -14.62 -10.92 16.13
N MET C 103 -14.04 -11.68 17.05
CA MET C 103 -12.70 -12.23 16.83
C MET C 103 -12.59 -13.19 15.64
N LYS C 104 -13.58 -14.06 15.47
CA LYS C 104 -13.54 -15.00 14.35
C LYS C 104 -13.61 -14.28 13.00
N LYS C 105 -14.56 -13.35 12.88
CA LYS C 105 -14.71 -12.61 11.64
C LYS C 105 -13.50 -11.75 11.31
N ILE C 106 -12.85 -11.21 12.34
CA ILE C 106 -11.65 -10.39 12.11
C ILE C 106 -10.52 -11.27 11.61
N THR C 107 -10.42 -12.47 12.18
CA THR C 107 -9.39 -13.41 11.78
C THR C 107 -9.58 -13.82 10.32
N LEU C 108 -10.84 -14.02 9.93
CA LEU C 108 -11.14 -14.40 8.56
C LEU C 108 -10.77 -13.26 7.61
N LEU C 109 -11.07 -12.03 8.01
CA LEU C 109 -10.76 -10.88 7.18
C LEU C 109 -9.25 -10.77 6.99
N LYS C 110 -8.49 -10.94 8.07
CA LYS C 110 -7.04 -10.87 7.97
C LYS C 110 -6.51 -11.93 7.02
N TYR C 111 -7.13 -13.11 7.05
CA TYR C 111 -6.69 -14.19 6.17
C TYR C 111 -6.91 -13.81 4.71
N PHE C 112 -8.12 -13.34 4.38
CA PHE C 112 -8.42 -12.96 3.01
C PHE C 112 -7.53 -11.80 2.57
N ARG C 113 -7.31 -10.85 3.47
CA ARG C 113 -6.48 -9.69 3.19
C ARG C 113 -5.09 -10.14 2.73
N ASN C 114 -4.49 -11.03 3.52
CA ASN C 114 -3.16 -11.55 3.21
C ASN C 114 -3.12 -12.29 1.89
N TYR C 115 -4.17 -13.07 1.61
CA TYR C 115 -4.22 -13.80 0.34
C TYR C 115 -4.17 -12.81 -0.82
N MET C 116 -5.06 -11.82 -0.80
CA MET C 116 -5.13 -10.82 -1.86
C MET C 116 -3.83 -10.05 -2.02
N SER C 117 -3.20 -9.73 -0.89
CA SER C 117 -1.95 -8.99 -0.90
C SER C 117 -0.80 -9.83 -1.45
N GLU C 118 -0.83 -11.13 -1.15
CA GLU C 118 0.22 -12.05 -1.60
C GLU C 118 0.11 -12.54 -3.05
N HIS C 119 -1.09 -12.55 -3.63
CA HIS C 119 -1.24 -13.07 -4.99
C HIS C 119 -1.88 -12.21 -6.06
N LEU C 120 -2.86 -11.40 -5.69
CA LEU C 120 -3.61 -10.62 -6.67
C LEU C 120 -3.14 -9.24 -7.12
N LEU C 121 -3.40 -8.95 -8.39
CA LEU C 121 -3.06 -7.67 -9.00
C LEU C 121 -4.11 -6.65 -8.59
N LYS C 122 -3.68 -5.40 -8.40
CA LYS C 122 -4.61 -4.35 -8.02
C LYS C 122 -5.17 -3.70 -9.29
N ALA C 123 -6.49 -3.80 -9.48
CA ALA C 123 -7.11 -3.20 -10.66
C ALA C 123 -7.11 -1.68 -10.50
N GLY C 124 -6.66 -0.98 -11.54
CA GLY C 124 -6.61 0.47 -11.51
C GLY C 124 -5.54 1.03 -10.59
N ALA C 125 -4.42 0.31 -10.45
CA ALA C 125 -3.34 0.74 -9.57
C ALA C 125 -2.61 2.01 -10.04
N ASN C 126 -2.80 2.38 -11.31
CA ASN C 126 -2.13 3.54 -11.86
C ASN C 126 -2.79 4.90 -11.60
N ILE C 127 -4.00 4.90 -11.06
CA ILE C 127 -4.71 6.15 -10.79
C ILE C 127 -4.16 6.86 -9.54
N ALA C 136 -14.14 10.85 2.34
CA ALA C 136 -15.38 10.24 1.77
C ALA C 136 -15.72 8.97 2.55
N ARG C 137 -17.01 8.76 2.82
CA ARG C 137 -17.45 7.58 3.54
C ARG C 137 -17.10 6.31 2.76
N LEU C 138 -16.45 5.37 3.45
CA LEU C 138 -16.06 4.13 2.80
C LEU C 138 -17.30 3.25 2.68
N PRO C 139 -17.64 2.80 1.46
CA PRO C 139 -18.82 1.94 1.28
C PRO C 139 -18.50 0.49 1.61
N TYR C 140 -19.53 -0.36 1.67
CA TYR C 140 -19.32 -1.77 1.94
C TYR C 140 -20.05 -2.55 0.85
N LEU C 141 -19.80 -3.85 0.77
CA LEU C 141 -20.44 -4.67 -0.25
C LEU C 141 -21.83 -5.10 0.17
N ARG C 142 -22.83 -4.69 -0.62
CA ARG C 142 -24.21 -5.03 -0.33
C ARG C 142 -24.54 -6.44 -0.83
N THR C 143 -24.24 -6.69 -2.09
CA THR C 143 -24.51 -7.99 -2.69
C THR C 143 -23.57 -8.22 -3.87
N TRP C 144 -23.45 -9.48 -4.28
CA TRP C 144 -22.63 -9.87 -5.42
C TRP C 144 -23.11 -11.20 -5.95
N PHE C 145 -22.73 -11.52 -7.18
CA PHE C 145 -23.07 -12.79 -7.80
C PHE C 145 -22.21 -12.92 -9.04
N ARG C 146 -22.06 -14.15 -9.52
CA ARG C 146 -21.26 -14.38 -10.70
C ARG C 146 -22.07 -15.14 -11.74
N THR C 147 -21.78 -14.85 -13.00
CA THR C 147 -22.43 -15.51 -14.11
C THR C 147 -21.30 -16.32 -14.73
N ARG C 148 -21.50 -16.82 -15.93
CA ARG C 148 -20.47 -17.60 -16.59
C ARG C 148 -19.38 -16.71 -17.17
N SER C 149 -19.67 -15.42 -17.33
CA SER C 149 -18.68 -14.51 -17.91
C SER C 149 -18.22 -13.34 -17.04
N ALA C 150 -18.83 -13.15 -15.87
CA ALA C 150 -18.42 -12.03 -15.01
C ALA C 150 -18.87 -12.13 -13.56
N ILE C 151 -18.31 -11.24 -12.75
CA ILE C 151 -18.68 -11.15 -11.35
C ILE C 151 -19.32 -9.76 -11.20
N ILE C 152 -20.48 -9.72 -10.57
CA ILE C 152 -21.21 -8.47 -10.38
C ILE C 152 -21.11 -8.04 -8.91
N LEU C 153 -20.69 -6.81 -8.67
CA LEU C 153 -20.54 -6.32 -7.31
C LEU C 153 -21.30 -5.01 -7.06
N HIS C 154 -22.17 -5.01 -6.06
CA HIS C 154 -22.97 -3.84 -5.73
C HIS C 154 -22.55 -3.23 -4.39
N LEU C 155 -21.99 -2.02 -4.45
CA LEU C 155 -21.54 -1.33 -3.23
C LEU C 155 -22.67 -0.55 -2.58
N SER C 156 -22.47 -0.21 -1.30
CA SER C 156 -23.50 0.52 -0.54
C SER C 156 -23.66 1.97 -0.94
N ASN C 157 -22.74 2.51 -1.73
CA ASN C 157 -22.86 3.90 -2.15
C ASN C 157 -23.58 3.98 -3.48
N GLY C 158 -24.14 2.85 -3.91
CA GLY C 158 -24.87 2.81 -5.16
C GLY C 158 -24.08 2.27 -6.35
N SER C 159 -22.76 2.28 -6.25
CA SER C 159 -21.94 1.80 -7.37
C SER C 159 -22.11 0.31 -7.65
N VAL C 160 -22.04 -0.03 -8.94
CA VAL C 160 -22.14 -1.40 -9.39
C VAL C 160 -20.94 -1.67 -10.28
N GLN C 161 -20.16 -2.69 -9.93
CA GLN C 161 -18.98 -3.01 -10.71
C GLN C 161 -19.14 -4.37 -11.38
N ILE C 162 -18.71 -4.46 -12.62
CA ILE C 162 -18.79 -5.72 -13.36
C ILE C 162 -17.42 -6.03 -13.93
N ASN C 163 -16.83 -7.13 -13.46
CA ASN C 163 -15.53 -7.59 -13.93
C ASN C 163 -15.73 -8.76 -14.89
N PHE C 164 -15.27 -8.62 -16.12
CA PHE C 164 -15.40 -9.68 -17.12
C PHE C 164 -14.20 -10.62 -17.09
N PHE C 165 -14.46 -11.90 -16.87
CA PHE C 165 -13.42 -12.92 -16.76
C PHE C 165 -12.53 -13.11 -17.99
N GLN C 166 -13.14 -13.30 -19.14
CA GLN C 166 -12.40 -13.56 -20.37
C GLN C 166 -11.29 -12.59 -20.81
N ASP C 167 -11.57 -11.30 -20.82
CA ASP C 167 -10.56 -10.34 -21.26
C ASP C 167 -10.12 -9.31 -20.24
N HIS C 168 -10.48 -9.53 -18.97
CA HIS C 168 -10.09 -8.63 -17.89
C HIS C 168 -10.64 -7.20 -18.01
N THR C 169 -11.66 -6.99 -18.84
CA THR C 169 -12.24 -5.66 -18.97
C THR C 169 -13.17 -5.46 -17.77
N LYS C 170 -13.37 -4.20 -17.38
CA LYS C 170 -14.21 -3.90 -16.20
C LYS C 170 -15.04 -2.63 -16.34
N LEU C 171 -16.23 -2.66 -15.74
CA LEU C 171 -17.15 -1.51 -15.74
C LEU C 171 -17.45 -1.09 -14.31
N ILE C 172 -17.35 0.21 -14.04
CA ILE C 172 -17.67 0.75 -12.72
C ILE C 172 -18.76 1.79 -12.97
N LEU C 173 -19.99 1.45 -12.58
CA LEU C 173 -21.15 2.32 -12.76
C LEU C 173 -21.46 3.09 -11.48
N CYS C 174 -21.56 4.42 -11.59
CA CYS C 174 -21.86 5.30 -10.46
C CYS C 174 -23.08 6.14 -10.81
N PRO C 175 -24.26 5.76 -10.28
CA PRO C 175 -25.55 6.42 -10.50
C PRO C 175 -25.68 7.89 -10.08
N LEU C 176 -25.04 8.27 -8.99
CA LEU C 176 -25.11 9.64 -8.52
C LEU C 176 -24.52 10.59 -9.54
N MET C 177 -23.43 10.14 -10.18
CA MET C 177 -22.77 10.93 -11.21
C MET C 177 -23.30 10.57 -12.59
N ALA C 178 -24.12 9.51 -12.65
CA ALA C 178 -24.68 9.02 -13.90
C ALA C 178 -23.51 8.80 -14.86
N ALA C 179 -22.46 8.19 -14.33
CA ALA C 179 -21.26 7.93 -15.11
C ALA C 179 -20.86 6.46 -15.09
N VAL C 180 -19.93 6.11 -15.97
CA VAL C 180 -19.42 4.76 -16.04
C VAL C 180 -17.94 4.82 -16.38
N THR C 181 -17.15 4.03 -15.67
CA THR C 181 -15.73 3.98 -15.92
C THR C 181 -15.44 2.64 -16.57
N TYR C 182 -14.71 2.68 -17.67
CA TYR C 182 -14.38 1.48 -18.41
C TYR C 182 -12.88 1.21 -18.38
N ILE C 183 -12.50 0.01 -17.94
CA ILE C 183 -11.10 -0.38 -17.92
C ILE C 183 -10.99 -1.42 -19.02
N ASP C 184 -10.36 -1.06 -20.14
CA ASP C 184 -10.24 -1.97 -21.26
C ASP C 184 -9.10 -2.97 -21.12
N GLU C 185 -8.90 -3.76 -22.17
CA GLU C 185 -7.86 -4.78 -22.19
C GLU C 185 -6.45 -4.27 -21.88
N LYS C 186 -6.07 -3.14 -22.46
CA LYS C 186 -4.74 -2.60 -22.20
C LYS C 186 -4.70 -1.79 -20.91
N ARG C 187 -5.66 -2.06 -20.03
CA ARG C 187 -5.77 -1.39 -18.74
C ARG C 187 -5.98 0.11 -18.78
N ASP C 188 -6.53 0.63 -19.87
CA ASP C 188 -6.81 2.05 -19.96
C ASP C 188 -8.03 2.30 -19.06
N PHE C 189 -7.93 3.32 -18.22
CA PHE C 189 -8.97 3.69 -17.27
C PHE C 189 -9.68 4.95 -17.78
N ARG C 190 -10.87 4.79 -18.34
CA ARG C 190 -11.61 5.94 -18.89
C ARG C 190 -12.97 6.14 -18.24
N THR C 191 -13.26 7.38 -17.83
CA THR C 191 -14.54 7.69 -17.20
C THR C 191 -15.42 8.52 -18.14
N TYR C 192 -16.66 8.04 -18.34
CA TYR C 192 -17.62 8.68 -19.22
C TYR C 192 -18.93 9.03 -18.51
N ARG C 193 -19.64 10.03 -19.02
CA ARG C 193 -20.94 10.39 -18.49
C ARG C 193 -21.86 9.62 -19.44
N LEU C 194 -22.77 8.81 -18.90
CA LEU C 194 -23.65 8.02 -19.77
C LEU C 194 -24.43 8.86 -20.78
N SER C 195 -24.88 10.05 -20.38
CA SER C 195 -25.63 10.91 -21.30
C SER C 195 -24.76 11.37 -22.48
N LEU C 196 -23.45 11.44 -22.29
CA LEU C 196 -22.59 11.86 -23.39
C LEU C 196 -22.31 10.69 -24.33
N LEU C 197 -22.28 9.48 -23.78
CA LEU C 197 -22.09 8.29 -24.62
C LEU C 197 -23.31 8.21 -25.54
N GLU C 198 -24.47 8.59 -25.01
CA GLU C 198 -25.69 8.57 -25.79
C GLU C 198 -25.59 9.59 -26.93
N GLU C 199 -25.02 10.74 -26.61
CA GLU C 199 -24.88 11.81 -27.59
C GLU C 199 -23.83 11.56 -28.68
N TYR C 200 -22.61 11.23 -28.27
CA TYR C 200 -21.51 11.02 -29.22
C TYR C 200 -21.26 9.58 -29.66
N GLY C 201 -21.80 8.61 -28.93
CA GLY C 201 -21.61 7.22 -29.30
C GLY C 201 -20.37 6.56 -28.73
N CYS C 202 -20.20 5.27 -29.01
CA CYS C 202 -19.04 4.52 -28.53
C CYS C 202 -18.81 3.29 -29.38
N CYS C 203 -17.66 2.63 -29.17
CA CYS C 203 -17.32 1.44 -29.94
C CYS C 203 -18.26 0.30 -29.61
N LYS C 204 -18.31 -0.70 -30.49
CA LYS C 204 -19.17 -1.85 -30.30
C LYS C 204 -18.87 -2.63 -29.02
N GLU C 205 -17.59 -2.75 -28.66
CA GLU C 205 -17.23 -3.47 -27.44
C GLU C 205 -17.81 -2.84 -26.17
N LEU C 206 -17.74 -1.52 -26.04
CA LEU C 206 -18.30 -0.87 -24.86
C LEU C 206 -19.82 -0.95 -24.91
N ALA C 207 -20.39 -0.78 -26.10
CA ALA C 207 -21.84 -0.85 -26.27
C ALA C 207 -22.34 -2.22 -25.79
N SER C 208 -21.64 -3.28 -26.20
CA SER C 208 -21.99 -4.63 -25.81
C SER C 208 -21.95 -4.80 -24.31
N ARG C 209 -20.90 -4.27 -23.69
CA ARG C 209 -20.75 -4.38 -22.25
C ARG C 209 -21.84 -3.61 -21.50
N LEU C 210 -22.28 -2.48 -22.06
CA LEU C 210 -23.33 -1.70 -21.41
C LEU C 210 -24.69 -2.40 -21.50
N ARG C 211 -24.92 -3.15 -22.58
CA ARG C 211 -26.17 -3.88 -22.73
C ARG C 211 -26.17 -4.98 -21.67
N TYR C 212 -25.02 -5.62 -21.49
CA TYR C 212 -24.91 -6.69 -20.49
C TYR C 212 -25.14 -6.10 -19.10
N ALA C 213 -24.54 -4.94 -18.84
CA ALA C 213 -24.71 -4.28 -17.54
C ALA C 213 -26.18 -4.07 -17.22
N ARG C 214 -26.95 -3.65 -18.23
CA ARG C 214 -28.38 -3.43 -18.03
C ARG C 214 -29.05 -4.73 -17.58
N THR C 215 -28.67 -5.83 -18.21
CA THR C 215 -29.23 -7.13 -17.84
C THR C 215 -28.87 -7.46 -16.39
N MET C 216 -27.63 -7.16 -16.01
CA MET C 216 -27.15 -7.41 -14.66
C MET C 216 -27.86 -6.57 -13.62
N VAL C 217 -28.13 -5.31 -13.94
CA VAL C 217 -28.83 -4.44 -13.00
C VAL C 217 -30.25 -4.96 -12.80
N ASP C 218 -30.83 -5.54 -13.86
CA ASP C 218 -32.18 -6.10 -13.77
C ASP C 218 -32.17 -7.26 -12.79
N LYS C 219 -31.09 -8.05 -12.82
CA LYS C 219 -30.95 -9.19 -11.92
C LYS C 219 -30.84 -8.73 -10.47
N LEU C 220 -30.10 -7.65 -10.23
CA LEU C 220 -29.94 -7.13 -8.88
C LEU C 220 -31.30 -6.70 -8.34
N LEU C 221 -32.03 -5.91 -9.13
CA LEU C 221 -33.36 -5.46 -8.73
C LEU C 221 -34.31 -6.65 -8.58
N SER C 222 -34.16 -7.62 -9.49
CA SER C 222 -34.97 -8.82 -9.50
C SER C 222 -34.90 -9.56 -8.16
N SER C 223 -33.70 -9.66 -7.61
CA SER C 223 -33.51 -10.35 -6.34
C SER C 223 -34.33 -9.67 -5.25
N ARG C 224 -34.61 -8.39 -5.45
CA ARG C 224 -35.39 -7.60 -4.50
C ARG C 224 -34.93 -7.81 -3.06
C ACA D 2 -9.24 -22.08 -4.09
O ACA D 2 -10.07 -22.64 -4.80
C2 ACA D 2 -7.91 -22.72 -3.75
N PRO D 3 -9.46 -20.85 -3.59
CA PRO D 3 -10.71 -20.13 -3.83
C PRO D 3 -10.71 -19.48 -5.21
N LEU D 4 -11.89 -19.11 -5.69
CA LEU D 4 -11.98 -18.42 -6.98
C LEU D 4 -11.46 -17.03 -6.65
N HIS D 5 -10.78 -16.40 -7.60
CA HIS D 5 -10.19 -15.10 -7.30
C HIS D 5 -10.06 -14.20 -8.53
N SER D 6 -9.76 -12.94 -8.27
CA SER D 6 -9.56 -11.98 -9.34
C SER D 6 -8.14 -12.23 -9.87
N TPO D 7 -7.65 -11.32 -10.71
CA TPO D 7 -6.54 -11.69 -11.60
CB TPO D 7 -6.33 -10.60 -12.68
CG2 TPO D 7 -5.19 -10.94 -13.63
OG1 TPO D 7 -7.57 -10.56 -13.42
P TPO D 7 -8.60 -9.31 -13.43
O1P TPO D 7 -7.97 -8.02 -13.68
O2P TPO D 7 -9.28 -9.40 -12.08
O3P TPO D 7 -9.60 -9.72 -14.46
C TPO D 7 -5.26 -11.75 -10.69
O TPO D 7 -5.00 -10.85 -9.92
N MET D 8 -4.50 -12.83 -10.82
CA MET D 8 -3.18 -13.11 -10.24
C MET D 8 -2.14 -12.10 -10.68
N NH2 D 9 -1.32 -11.62 -9.74
S SO4 E . 6.12 -8.40 16.26
O1 SO4 E . 5.98 -7.80 14.92
O2 SO4 E . 7.55 -8.60 16.58
O3 SO4 E . 5.54 -7.49 17.26
O4 SO4 E . 5.43 -9.71 16.31
C1 GOL F . 19.52 -4.16 19.07
O1 GOL F . 18.44 -3.65 18.30
C2 GOL F . 19.29 -4.00 20.54
O2 GOL F . 18.87 -5.25 21.11
C3 GOL F . 20.55 -3.51 21.24
O3 GOL F . 20.25 -2.48 22.16
S SO4 G . -23.88 -15.39 -18.89
O1 SO4 G . -24.02 -16.52 -17.95
O2 SO4 G . -22.46 -15.04 -19.05
O3 SO4 G . -24.64 -14.24 -18.37
O4 SO4 G . -24.43 -15.79 -20.21
C1 GOL H . -10.07 -12.42 -13.55
O1 GOL H . -11.43 -12.08 -13.77
C2 GOL H . -9.96 -13.63 -12.66
O2 GOL H . -11.19 -13.85 -11.97
C3 GOL H . -9.57 -14.87 -13.44
O3 GOL H . -8.56 -15.61 -12.76
#